data_5AJX
#
_entry.id   5AJX
#
_cell.length_a   102.282
_cell.length_b   102.282
_cell.length_c   259.716
_cell.angle_alpha   90.00
_cell.angle_beta   90.00
_cell.angle_gamma   120.00
#
_symmetry.space_group_name_H-M   'P 65 2 2'
#
loop_
_entity.id
_entity.type
_entity.pdbx_description
1 polymer '6-PHOSPHOFRUCTO-2-KINASE/FRUCTOSE-2,6-BISPHOSPHATASE 3'
2 non-polymer 'PHOSPHONIC ACID'
3 non-polymer 'PHOSPHATE ION'
4 non-polymer 6-O-phosphono-beta-D-fructofuranose
5 non-polymer (2S)-N-[4-[3-cyano-1-[(3,5-dimethyl-1,2-oxazol-4-yl)methyl]indol-5-yl]oxyphenyl]pyrrolidine-2-carboxamide
6 water water
#
_entity_poly.entity_id   1
_entity_poly.type   'polypeptide(L)'
_entity_poly.pdbx_seq_one_letter_code
;MPLELTQSRVQKIWVPVDHRPSLPRSCGPKLTNSPTVIVMVGLPARGKTYISKKLTRYLNWIGVPTKVFNVGEYRREAVK
QYSSYNFFRPDNEEAMKVRKQCALAALRDVKSYLAKEGGQIAVFDATNTTRERRHMILHFAKENDFKAFFIESVCDDPTV
VASNIMEVKISSPDYKDCNSAEAMDDFMKRISCYEASYQPLDPDKCDRDLSLIKVIDVGRRFLVNRVQDHIQSRIVYYLM
NIHVQPRTIYLCRHGENEHNLQGRIGGDSGLSSRGKKFASALSKFVEEQNLKDLRVWTSQLKSTIQTAEALRLPYEQWKA
LNEIDAGVCEELTYEEIRDTYPEEYALREQDKYYYRYPTGESYQDLVQRLEPVIMELERQENVLVICHQAVLRCLLAYFL
DKSAEEMPYLKCPLHTVLKLTPVAYGCRVESIYLNVESVCTHRERSEDAKKGPNPLMRRNSVTPLASPEPTKKPRINSFE
EHVASTSAALPSCLPPEVPTQLPGQNMKGSRSSADSSRKH
;
_entity_poly.pdbx_strand_id   A
#
# COMPACT_ATOMS: atom_id res chain seq x y z
N PRO A 2 -9.10 16.02 -40.68
CA PRO A 2 -8.76 14.63 -40.32
C PRO A 2 -7.79 14.54 -39.15
N LEU A 3 -8.01 13.53 -38.28
CA LEU A 3 -7.26 13.21 -37.05
C LEU A 3 -7.25 14.38 -36.02
N GLU A 4 -8.42 15.05 -35.85
CA GLU A 4 -8.58 16.19 -34.94
C GLU A 4 -8.63 15.75 -33.48
N LEU A 5 -7.68 16.26 -32.69
CA LEU A 5 -7.58 15.95 -31.28
C LEU A 5 -7.68 17.20 -30.43
N THR A 6 -8.10 17.02 -29.18
CA THR A 6 -8.16 18.09 -28.18
C THR A 6 -7.46 17.63 -26.91
N GLN A 7 -6.82 18.54 -26.21
CA GLN A 7 -6.12 18.21 -24.97
C GLN A 7 -7.05 18.41 -23.76
N SER A 8 -7.35 17.32 -23.00
CA SER A 8 -8.20 17.39 -21.81
C SER A 8 -7.60 18.37 -20.79
N ARG A 9 -8.42 19.27 -20.25
CA ARG A 9 -8.02 20.35 -19.35
C ARG A 9 -7.32 19.93 -18.06
N VAL A 10 -7.79 18.86 -17.41
CA VAL A 10 -7.20 18.42 -16.13
C VAL A 10 -5.92 17.59 -16.35
N GLN A 11 -6.05 16.40 -16.96
CA GLN A 11 -4.95 15.46 -17.16
C GLN A 11 -4.05 15.79 -18.35
N LYS A 12 -4.45 16.73 -19.25
CA LYS A 12 -3.65 17.14 -20.41
C LYS A 12 -3.44 15.99 -21.44
N ILE A 13 -4.43 15.08 -21.53
CA ILE A 13 -4.43 13.93 -22.44
C ILE A 13 -5.06 14.31 -23.78
N TRP A 14 -4.37 13.98 -24.89
CA TRP A 14 -4.90 14.24 -26.23
C TRP A 14 -5.92 13.20 -26.55
N VAL A 15 -7.14 13.65 -26.80
CA VAL A 15 -8.28 12.77 -27.10
C VAL A 15 -8.90 13.16 -28.44
N PRO A 16 -9.53 12.23 -29.19
CA PRO A 16 -10.19 12.64 -30.44
C PRO A 16 -11.29 13.62 -30.12
N VAL A 17 -11.38 14.74 -30.90
CA VAL A 17 -12.43 15.75 -30.73
C VAL A 17 -13.75 14.97 -30.78
N ASP A 18 -14.50 15.02 -29.67
CA ASP A 18 -15.71 14.23 -29.63
C ASP A 18 -16.95 15.07 -29.91
N HIS A 19 -17.32 15.08 -31.19
CA HIS A 19 -18.50 15.74 -31.71
C HIS A 19 -19.52 14.65 -31.65
N ARG A 20 -20.10 14.46 -30.47
CA ARG A 20 -21.11 13.43 -30.22
C ARG A 20 -22.29 13.70 -31.15
N PRO A 21 -22.95 12.65 -31.68
CA PRO A 21 -24.11 12.88 -32.56
C PRO A 21 -25.30 13.44 -31.76
N SER A 22 -26.42 13.75 -32.44
CA SER A 22 -27.64 14.29 -31.85
C SER A 22 -28.07 13.56 -30.57
N LEU A 23 -27.95 12.21 -30.57
CA LEU A 23 -28.25 11.32 -29.44
C LEU A 23 -26.92 10.72 -28.94
N PRO A 24 -26.21 11.40 -27.99
CA PRO A 24 -24.93 10.85 -27.49
C PRO A 24 -25.11 9.53 -26.76
N ARG A 25 -24.28 8.53 -27.11
CA ARG A 25 -24.29 7.18 -26.52
C ARG A 25 -23.04 6.95 -25.67
N SER A 26 -23.20 6.36 -24.46
CA SER A 26 -22.13 6.17 -23.48
C SER A 26 -21.21 4.88 -23.59
N CYS A 27 -21.73 3.66 -23.92
CA CYS A 27 -20.96 2.37 -24.02
C CYS A 27 -20.52 1.83 -22.62
N GLY A 28 -21.16 2.32 -21.56
CA GLY A 28 -20.88 2.00 -20.17
C GLY A 28 -20.89 0.53 -19.77
N PRO A 29 -19.87 0.05 -19.02
CA PRO A 29 -18.68 0.76 -18.49
C PRO A 29 -17.46 0.67 -19.42
N ASN A 33 -9.32 -5.18 -18.44
CA ASN A 33 -9.47 -6.63 -18.59
C ASN A 33 -10.08 -7.31 -17.33
N SER A 34 -10.47 -8.61 -17.46
CA SER A 34 -11.10 -9.45 -16.44
C SER A 34 -10.64 -9.22 -14.99
N PRO A 35 -11.58 -9.03 -14.03
CA PRO A 35 -11.18 -8.83 -12.62
C PRO A 35 -10.59 -10.10 -12.01
N THR A 36 -9.85 -9.95 -10.90
CA THR A 36 -9.22 -11.10 -10.25
C THR A 36 -9.66 -11.30 -8.83
N VAL A 37 -9.90 -12.56 -8.48
CA VAL A 37 -10.15 -12.97 -7.11
C VAL A 37 -8.83 -13.58 -6.63
N ILE A 38 -8.20 -12.94 -5.65
CA ILE A 38 -7.00 -13.47 -4.99
C ILE A 38 -7.51 -14.33 -3.82
N VAL A 39 -7.21 -15.64 -3.84
CA VAL A 39 -7.67 -16.56 -2.80
C VAL A 39 -6.55 -16.84 -1.80
N MET A 40 -6.73 -16.41 -0.54
CA MET A 40 -5.75 -16.71 0.51
C MET A 40 -5.96 -18.15 0.96
N VAL A 41 -4.87 -18.92 1.15
CA VAL A 41 -4.93 -20.32 1.54
C VAL A 41 -3.96 -20.58 2.70
N GLY A 42 -4.40 -21.33 3.71
CA GLY A 42 -3.56 -21.70 4.84
C GLY A 42 -4.24 -21.78 6.18
N LEU A 43 -3.56 -22.43 7.13
CA LEU A 43 -4.02 -22.58 8.51
C LEU A 43 -4.04 -21.21 9.20
N PRO A 44 -4.79 -21.02 10.32
CA PRO A 44 -4.73 -19.72 11.02
C PRO A 44 -3.32 -19.43 11.54
N ALA A 45 -3.01 -18.14 11.80
CA ALA A 45 -1.71 -17.62 12.28
C ALA A 45 -0.55 -17.87 11.28
N ARG A 46 -0.87 -17.79 9.97
CA ARG A 46 0.09 -17.98 8.87
C ARG A 46 0.34 -16.68 8.08
N GLY A 47 -0.08 -15.55 8.64
CA GLY A 47 0.11 -14.24 8.04
C GLY A 47 -0.75 -13.94 6.82
N LYS A 48 -1.87 -14.68 6.63
CA LYS A 48 -2.77 -14.45 5.49
C LYS A 48 -3.37 -13.05 5.47
N THR A 49 -3.82 -12.55 6.64
CA THR A 49 -4.41 -11.21 6.81
C THR A 49 -3.32 -10.15 6.62
N TYR A 50 -2.09 -10.44 7.10
CA TYR A 50 -0.94 -9.56 6.92
C TYR A 50 -0.64 -9.41 5.42
N ILE A 51 -0.57 -10.54 4.68
CA ILE A 51 -0.35 -10.55 3.23
C ILE A 51 -1.47 -9.81 2.51
N SER A 52 -2.75 -10.14 2.83
CA SER A 52 -3.96 -9.54 2.25
C SER A 52 -3.90 -8.03 2.33
N LYS A 53 -3.66 -7.49 3.54
CA LYS A 53 -3.65 -6.06 3.84
C LYS A 53 -2.53 -5.33 3.15
N LYS A 54 -1.29 -5.86 3.22
CA LYS A 54 -0.10 -5.28 2.62
C LYS A 54 -0.19 -5.22 1.08
N LEU A 55 -0.58 -6.33 0.46
CA LEU A 55 -0.78 -6.45 -0.99
C LEU A 55 -1.87 -5.51 -1.50
N THR A 56 -2.97 -5.35 -0.74
CA THR A 56 -4.11 -4.47 -1.05
C THR A 56 -3.66 -3.01 -1.02
N ARG A 57 -2.82 -2.67 -0.02
CA ARG A 57 -2.25 -1.35 0.21
C ARG A 57 -1.36 -0.95 -0.97
N TYR A 58 -0.54 -1.88 -1.46
CA TYR A 58 0.34 -1.70 -2.59
C TYR A 58 -0.44 -1.56 -3.91
N LEU A 59 -1.40 -2.48 -4.15
CA LEU A 59 -2.23 -2.49 -5.37
C LEU A 59 -3.08 -1.25 -5.51
N ASN A 60 -3.68 -0.78 -4.40
CA ASN A 60 -4.46 0.45 -4.44
C ASN A 60 -3.60 1.66 -4.76
N TRP A 61 -2.41 1.75 -4.13
CA TRP A 61 -1.46 2.84 -4.30
C TRP A 61 -0.98 2.97 -5.75
N ILE A 62 -0.71 1.84 -6.43
CA ILE A 62 -0.31 1.82 -7.84
C ILE A 62 -1.48 2.07 -8.80
N GLY A 63 -2.70 2.17 -8.27
CA GLY A 63 -3.90 2.46 -9.03
C GLY A 63 -4.78 1.30 -9.44
N VAL A 64 -4.62 0.13 -8.81
CA VAL A 64 -5.47 -1.04 -9.10
C VAL A 64 -6.51 -1.13 -7.97
N PRO A 65 -7.81 -0.77 -8.19
CA PRO A 65 -8.79 -0.82 -7.08
C PRO A 65 -8.88 -2.23 -6.49
N THR A 66 -8.50 -2.35 -5.21
CA THR A 66 -8.43 -3.62 -4.49
C THR A 66 -9.15 -3.54 -3.14
N LYS A 67 -9.81 -4.64 -2.78
CA LYS A 67 -10.50 -4.73 -1.50
C LYS A 67 -10.34 -6.11 -0.91
N VAL A 68 -10.17 -6.17 0.42
CA VAL A 68 -10.09 -7.42 1.21
C VAL A 68 -11.51 -7.77 1.72
N PHE A 69 -11.88 -9.05 1.58
CA PHE A 69 -13.12 -9.64 2.07
C PHE A 69 -12.70 -10.72 3.04
N ASN A 70 -12.68 -10.36 4.35
CA ASN A 70 -12.28 -11.28 5.44
C ASN A 70 -13.52 -11.97 5.99
N VAL A 71 -13.62 -13.29 5.81
CA VAL A 71 -14.75 -14.12 6.20
C VAL A 71 -15.01 -14.06 7.74
N GLY A 72 -13.94 -13.91 8.53
CA GLY A 72 -14.02 -13.78 9.98
C GLY A 72 -14.81 -12.56 10.46
N GLU A 73 -14.75 -11.47 9.68
CA GLU A 73 -15.46 -10.21 9.97
C GLU A 73 -16.95 -10.33 9.69
N TYR A 74 -17.31 -11.16 8.69
CA TYR A 74 -18.69 -11.51 8.33
C TYR A 74 -19.27 -12.38 9.44
N ARG A 75 -18.43 -13.23 10.04
CA ARG A 75 -18.77 -14.11 11.15
C ARG A 75 -18.99 -13.29 12.44
N ARG A 76 -18.12 -12.31 12.74
CA ARG A 76 -18.24 -11.44 13.91
C ARG A 76 -19.52 -10.56 13.83
N GLU A 77 -20.01 -10.33 12.61
CA GLU A 77 -21.21 -9.58 12.28
C GLU A 77 -22.45 -10.47 12.47
N ALA A 78 -22.38 -11.75 12.03
CA ALA A 78 -23.49 -12.69 12.13
C ALA A 78 -23.65 -13.26 13.54
N VAL A 79 -22.52 -13.49 14.23
CA VAL A 79 -22.47 -14.04 15.57
C VAL A 79 -21.94 -12.93 16.51
N LYS A 80 -22.88 -12.32 17.27
CA LYS A 80 -22.73 -11.24 18.24
C LYS A 80 -21.47 -11.38 19.15
N GLN A 81 -21.41 -12.39 20.04
CA GLN A 81 -20.23 -12.59 20.91
C GLN A 81 -19.48 -13.90 20.62
N TYR A 82 -18.10 -13.88 20.61
CA TYR A 82 -17.27 -15.10 20.42
C TYR A 82 -17.01 -15.73 21.79
N SER A 83 -17.27 -17.04 21.92
CA SER A 83 -17.07 -17.73 23.19
C SER A 83 -15.77 -18.55 23.25
N SER A 84 -15.57 -19.51 22.29
CA SER A 84 -14.38 -20.38 22.25
C SER A 84 -14.16 -21.09 20.91
N TYR A 85 -13.07 -21.91 20.82
CA TYR A 85 -12.64 -22.74 19.68
C TYR A 85 -13.73 -23.76 19.31
N ASN A 86 -14.66 -24.05 20.26
CA ASN A 86 -15.80 -24.95 20.09
C ASN A 86 -16.67 -24.54 18.90
N PHE A 87 -16.68 -23.24 18.54
CA PHE A 87 -17.39 -22.67 17.39
C PHE A 87 -16.75 -23.18 16.10
N PHE A 88 -15.44 -23.45 16.13
CA PHE A 88 -14.68 -23.91 14.97
C PHE A 88 -14.58 -25.42 14.84
N ARG A 89 -15.19 -26.18 15.77
CA ARG A 89 -15.16 -27.63 15.72
C ARG A 89 -15.76 -28.18 14.44
N PRO A 90 -15.13 -29.20 13.79
CA PRO A 90 -15.73 -29.80 12.59
C PRO A 90 -17.08 -30.49 12.85
N ASP A 91 -17.34 -30.90 14.12
CA ASP A 91 -18.61 -31.55 14.48
C ASP A 91 -19.71 -30.54 14.88
N ASN A 92 -19.40 -29.22 14.84
CA ASN A 92 -20.33 -28.14 15.16
C ASN A 92 -21.20 -27.86 13.94
N GLU A 93 -22.23 -28.68 13.72
CA GLU A 93 -23.16 -28.60 12.60
C GLU A 93 -23.68 -27.17 12.32
N GLU A 94 -24.22 -26.51 13.38
CA GLU A 94 -24.79 -25.16 13.32
C GLU A 94 -23.75 -24.09 12.93
N ALA A 95 -22.60 -24.04 13.62
CA ALA A 95 -21.56 -23.06 13.29
C ALA A 95 -20.96 -23.30 11.91
N MET A 96 -20.88 -24.57 11.45
CA MET A 96 -20.37 -24.92 10.12
C MET A 96 -21.28 -24.35 9.04
N LYS A 97 -22.62 -24.35 9.28
CA LYS A 97 -23.63 -23.77 8.38
C LYS A 97 -23.46 -22.25 8.35
N VAL A 98 -23.31 -21.63 9.53
CA VAL A 98 -23.11 -20.18 9.71
C VAL A 98 -21.85 -19.72 8.99
N ARG A 99 -20.73 -20.44 9.19
CA ARG A 99 -19.44 -20.15 8.56
C ARG A 99 -19.51 -20.23 7.03
N LYS A 100 -20.23 -21.24 6.48
CA LYS A 100 -20.44 -21.38 5.04
C LYS A 100 -21.24 -20.19 4.50
N GLN A 101 -22.35 -19.81 5.20
CA GLN A 101 -23.21 -18.68 4.87
C GLN A 101 -22.41 -17.38 4.83
N CYS A 102 -21.48 -17.19 5.79
CA CYS A 102 -20.58 -16.03 5.88
C CYS A 102 -19.63 -15.95 4.70
N ALA A 103 -19.07 -17.11 4.27
CA ALA A 103 -18.18 -17.21 3.13
C ALA A 103 -18.97 -16.87 1.85
N LEU A 104 -20.20 -17.40 1.71
CA LEU A 104 -21.08 -17.13 0.57
C LEU A 104 -21.53 -15.68 0.51
N ALA A 105 -21.77 -15.05 1.68
CA ALA A 105 -22.13 -13.63 1.80
C ALA A 105 -20.93 -12.77 1.38
N ALA A 106 -19.68 -13.19 1.75
CA ALA A 106 -18.45 -12.48 1.35
C ALA A 106 -18.27 -12.58 -0.16
N LEU A 107 -18.52 -13.77 -0.76
CA LEU A 107 -18.42 -13.97 -2.21
C LEU A 107 -19.48 -13.14 -2.96
N ARG A 108 -20.67 -12.98 -2.38
CA ARG A 108 -21.76 -12.16 -2.93
C ARG A 108 -21.24 -10.74 -3.05
N ASP A 109 -20.57 -10.24 -1.99
CA ASP A 109 -19.94 -8.92 -1.93
C ASP A 109 -18.75 -8.80 -2.85
N VAL A 110 -18.05 -9.93 -3.15
CA VAL A 110 -16.93 -9.99 -4.10
C VAL A 110 -17.50 -9.74 -5.51
N LYS A 111 -18.61 -10.42 -5.86
CA LYS A 111 -19.31 -10.29 -7.16
C LYS A 111 -19.76 -8.85 -7.38
N SER A 112 -20.41 -8.26 -6.37
CA SER A 112 -20.88 -6.88 -6.39
C SER A 112 -19.71 -5.88 -6.53
N TYR A 113 -18.58 -6.14 -5.85
CA TYR A 113 -17.41 -5.26 -5.92
C TYR A 113 -16.77 -5.26 -7.31
N LEU A 114 -16.52 -6.45 -7.88
CA LEU A 114 -15.85 -6.63 -9.17
C LEU A 114 -16.73 -6.37 -10.39
N ALA A 115 -18.01 -6.76 -10.34
CA ALA A 115 -18.91 -6.59 -11.47
C ALA A 115 -19.73 -5.31 -11.45
N LYS A 116 -19.93 -4.70 -10.27
CA LYS A 116 -20.80 -3.52 -10.16
C LYS A 116 -20.17 -2.27 -9.52
N GLU A 117 -18.98 -2.38 -8.91
CA GLU A 117 -18.41 -1.21 -8.24
C GLU A 117 -17.10 -0.70 -8.84
N GLY A 118 -16.67 -1.28 -9.95
CA GLY A 118 -15.42 -0.89 -10.60
C GLY A 118 -14.16 -1.35 -9.88
N GLY A 119 -14.29 -2.39 -9.05
CA GLY A 119 -13.16 -3.00 -8.37
C GLY A 119 -12.44 -3.90 -9.34
N GLN A 120 -11.12 -3.97 -9.23
CA GLN A 120 -10.35 -4.81 -10.14
C GLN A 120 -9.88 -6.08 -9.47
N ILE A 121 -9.52 -6.01 -8.18
CA ILE A 121 -9.01 -7.16 -7.42
C ILE A 121 -9.77 -7.32 -6.11
N ALA A 122 -10.22 -8.53 -5.83
CA ALA A 122 -10.90 -8.86 -4.57
C ALA A 122 -10.01 -9.88 -3.88
N VAL A 123 -9.55 -9.56 -2.67
CA VAL A 123 -8.71 -10.50 -1.91
C VAL A 123 -9.64 -11.23 -0.95
N PHE A 124 -9.88 -12.52 -1.22
CA PHE A 124 -10.74 -13.40 -0.41
C PHE A 124 -9.89 -14.01 0.72
N ASP A 125 -9.94 -13.33 1.88
CA ASP A 125 -9.15 -13.64 3.06
C ASP A 125 -9.87 -14.62 4.01
N ALA A 126 -9.59 -15.90 3.83
CA ALA A 126 -10.11 -16.99 4.62
C ALA A 126 -9.06 -18.11 4.62
N THR A 127 -9.33 -19.18 5.37
CA THR A 127 -8.45 -20.34 5.44
C THR A 127 -8.41 -21.07 4.09
N ASN A 128 -9.59 -21.31 3.47
CA ASN A 128 -9.75 -21.99 2.16
C ASN A 128 -8.80 -23.20 2.06
N THR A 129 -8.74 -23.97 3.16
CA THR A 129 -7.86 -25.10 3.43
C THR A 129 -8.30 -26.42 2.77
N THR A 130 -9.56 -26.52 2.39
CA THR A 130 -10.09 -27.73 1.75
C THR A 130 -10.23 -27.53 0.25
N ARG A 131 -10.04 -28.62 -0.52
CA ARG A 131 -10.21 -28.62 -1.98
C ARG A 131 -11.64 -28.27 -2.33
N GLU A 132 -12.62 -28.76 -1.54
CA GLU A 132 -14.05 -28.50 -1.67
C GLU A 132 -14.33 -26.98 -1.67
N ARG A 133 -13.85 -26.25 -0.63
CA ARG A 133 -14.03 -24.81 -0.55
C ARG A 133 -13.41 -24.11 -1.77
N ARG A 134 -12.19 -24.51 -2.16
CA ARG A 134 -11.49 -23.92 -3.30
C ARG A 134 -12.16 -24.21 -4.63
N HIS A 135 -12.79 -25.41 -4.77
CA HIS A 135 -13.52 -25.78 -5.98
C HIS A 135 -14.75 -24.93 -6.14
N MET A 136 -15.39 -24.59 -5.01
CA MET A 136 -16.55 -23.73 -4.91
C MET A 136 -16.16 -22.30 -5.30
N ILE A 137 -14.97 -21.81 -4.85
CA ILE A 137 -14.49 -20.46 -5.18
C ILE A 137 -14.17 -20.38 -6.69
N LEU A 138 -13.56 -21.44 -7.23
CA LEU A 138 -13.22 -21.55 -8.64
C LEU A 138 -14.49 -21.54 -9.49
N HIS A 139 -15.55 -22.29 -9.08
CA HIS A 139 -16.84 -22.32 -9.76
C HIS A 139 -17.43 -20.91 -9.81
N PHE A 140 -17.40 -20.21 -8.66
CA PHE A 140 -17.85 -18.82 -8.52
C PHE A 140 -17.07 -17.89 -9.47
N ALA A 141 -15.74 -18.08 -9.59
CA ALA A 141 -14.89 -17.26 -10.47
C ALA A 141 -15.22 -17.54 -11.94
N LYS A 142 -15.27 -18.83 -12.36
CA LYS A 142 -15.58 -19.23 -13.74
C LYS A 142 -16.96 -18.70 -14.19
N GLU A 143 -18.01 -18.89 -13.36
CA GLU A 143 -19.37 -18.43 -13.68
C GLU A 143 -19.49 -16.89 -13.79
N ASN A 144 -18.62 -16.13 -13.11
CA ASN A 144 -18.64 -14.66 -13.12
C ASN A 144 -17.57 -14.04 -14.03
N ASP A 145 -16.83 -14.89 -14.76
CA ASP A 145 -15.73 -14.53 -15.66
C ASP A 145 -14.59 -13.78 -14.91
N PHE A 146 -14.30 -14.22 -13.67
CA PHE A 146 -13.23 -13.65 -12.86
C PHE A 146 -12.04 -14.59 -12.91
N LYS A 147 -10.85 -14.02 -12.85
CA LYS A 147 -9.63 -14.81 -12.79
C LYS A 147 -9.45 -15.22 -11.33
N ALA A 148 -8.78 -16.35 -11.09
CA ALA A 148 -8.49 -16.82 -9.74
C ALA A 148 -6.98 -16.99 -9.59
N PHE A 149 -6.40 -16.40 -8.55
CA PHE A 149 -4.97 -16.49 -8.23
C PHE A 149 -4.87 -16.86 -6.75
N PHE A 150 -4.21 -17.99 -6.45
CA PHE A 150 -4.09 -18.48 -5.07
C PHE A 150 -2.79 -18.10 -4.43
N ILE A 151 -2.84 -17.62 -3.17
CA ILE A 151 -1.66 -17.29 -2.38
C ILE A 151 -1.75 -18.12 -1.11
N GLU A 152 -0.90 -19.14 -1.02
CA GLU A 152 -0.87 -20.02 0.14
C GLU A 152 0.35 -19.73 1.00
N SER A 153 0.14 -19.62 2.32
CA SER A 153 1.21 -19.43 3.27
C SER A 153 1.36 -20.70 4.10
N VAL A 154 2.50 -21.40 3.94
CA VAL A 154 2.82 -22.67 4.61
C VAL A 154 3.98 -22.47 5.59
N CYS A 155 3.79 -22.86 6.86
CA CYS A 155 4.81 -22.81 7.91
C CYS A 155 4.54 -23.80 9.03
N ASP A 156 5.55 -24.62 9.36
CA ASP A 156 5.47 -25.63 10.41
C ASP A 156 6.20 -25.23 11.69
N ASP A 157 6.93 -24.08 11.69
CA ASP A 157 7.68 -23.58 12.84
C ASP A 157 6.77 -23.15 14.01
N PRO A 158 6.85 -23.84 15.18
CA PRO A 158 5.98 -23.46 16.32
C PRO A 158 6.29 -22.11 16.95
N THR A 159 7.54 -21.62 16.77
CA THR A 159 8.02 -20.32 17.28
C THR A 159 7.30 -19.21 16.53
N VAL A 160 7.20 -19.34 15.19
CA VAL A 160 6.53 -18.40 14.27
C VAL A 160 5.04 -18.31 14.60
N VAL A 161 4.38 -19.49 14.79
CA VAL A 161 2.96 -19.61 15.12
C VAL A 161 2.64 -18.92 16.46
N ALA A 162 3.42 -19.26 17.52
CA ALA A 162 3.28 -18.71 18.87
C ALA A 162 3.49 -17.19 18.91
N SER A 163 4.48 -16.69 18.14
CA SER A 163 4.82 -15.27 18.01
C SER A 163 3.66 -14.49 17.39
N ASN A 164 3.04 -15.05 16.31
CA ASN A 164 1.89 -14.45 15.61
C ASN A 164 0.66 -14.37 16.54
N ILE A 165 0.43 -15.41 17.37
CA ILE A 165 -0.69 -15.44 18.32
C ILE A 165 -0.52 -14.33 19.36
N MET A 166 0.70 -14.19 19.90
CA MET A 166 1.09 -13.19 20.89
C MET A 166 1.08 -11.75 20.33
N GLU A 167 1.53 -11.58 19.07
CA GLU A 167 1.60 -10.25 18.45
C GLU A 167 0.24 -9.69 18.00
N VAL A 168 -0.58 -10.49 17.29
CA VAL A 168 -1.81 -9.93 16.74
C VAL A 168 -3.10 -10.78 17.00
N LYS A 169 -2.98 -12.05 17.43
CA LYS A 169 -4.19 -12.84 17.66
C LYS A 169 -4.85 -12.58 19.01
N ILE A 170 -4.06 -12.57 20.11
CA ILE A 170 -4.58 -12.33 21.48
C ILE A 170 -5.30 -10.96 21.60
N SER A 171 -4.89 -9.97 20.77
CA SER A 171 -5.46 -8.62 20.71
C SER A 171 -6.66 -8.51 19.76
N SER A 172 -7.12 -9.65 19.18
CA SER A 172 -8.27 -9.74 18.27
C SER A 172 -9.58 -9.40 19.02
N PRO A 173 -10.61 -8.80 18.36
CA PRO A 173 -11.87 -8.48 19.09
C PRO A 173 -12.57 -9.70 19.71
N ASP A 174 -12.22 -10.92 19.24
CA ASP A 174 -12.73 -12.21 19.73
C ASP A 174 -12.25 -12.50 21.15
N TYR A 175 -11.05 -11.99 21.52
CA TYR A 175 -10.41 -12.23 22.80
C TYR A 175 -10.39 -11.01 23.74
N LYS A 176 -11.37 -10.09 23.59
CA LYS A 176 -11.52 -8.86 24.37
C LYS A 176 -11.61 -9.11 25.89
N ASP A 177 -12.46 -10.07 26.29
CA ASP A 177 -12.68 -10.44 27.70
C ASP A 177 -11.72 -11.53 28.21
N CYS A 178 -10.75 -11.96 27.38
CA CYS A 178 -9.76 -13.00 27.73
C CYS A 178 -8.40 -12.42 28.08
N ASN A 179 -7.63 -13.12 28.96
CA ASN A 179 -6.26 -12.75 29.27
C ASN A 179 -5.35 -13.49 28.29
N SER A 180 -4.10 -13.02 28.11
CA SER A 180 -3.12 -13.56 27.17
C SER A 180 -2.99 -15.09 27.15
N ALA A 181 -3.00 -15.76 28.33
CA ALA A 181 -2.87 -17.21 28.45
C ALA A 181 -4.08 -17.99 27.94
N GLU A 182 -5.32 -17.51 28.25
CA GLU A 182 -6.59 -18.12 27.84
C GLU A 182 -6.72 -18.04 26.31
N ALA A 183 -6.52 -16.83 25.76
CA ALA A 183 -6.57 -16.52 24.33
C ALA A 183 -5.57 -17.36 23.53
N MET A 184 -4.31 -17.50 24.00
CA MET A 184 -3.26 -18.31 23.35
C MET A 184 -3.69 -19.80 23.31
N ASP A 185 -4.17 -20.32 24.44
CA ASP A 185 -4.63 -21.70 24.57
C ASP A 185 -5.82 -21.99 23.65
N ASP A 186 -6.83 -21.08 23.64
CA ASP A 186 -8.02 -21.19 22.79
C ASP A 186 -7.65 -21.16 21.32
N PHE A 187 -6.69 -20.27 20.93
CA PHE A 187 -6.25 -20.14 19.54
C PHE A 187 -5.50 -21.38 19.05
N MET A 188 -4.71 -22.03 19.91
CA MET A 188 -3.99 -23.26 19.53
C MET A 188 -4.98 -24.37 19.21
N LYS A 189 -6.05 -24.48 20.03
CA LYS A 189 -7.14 -25.45 19.87
C LYS A 189 -7.91 -25.13 18.58
N ARG A 190 -8.13 -23.83 18.31
CA ARG A 190 -8.80 -23.30 17.12
C ARG A 190 -8.03 -23.71 15.84
N ILE A 191 -6.68 -23.62 15.84
CA ILE A 191 -5.80 -24.03 14.72
C ILE A 191 -5.97 -25.54 14.48
N SER A 192 -5.97 -26.34 15.58
CA SER A 192 -6.11 -27.79 15.55
C SER A 192 -7.43 -28.26 14.87
N CYS A 193 -8.52 -27.45 14.95
CA CYS A 193 -9.83 -27.71 14.32
C CYS A 193 -9.70 -27.79 12.80
N TYR A 194 -8.74 -27.04 12.22
CA TYR A 194 -8.48 -26.95 10.78
C TYR A 194 -7.45 -27.96 10.23
N GLU A 195 -6.59 -28.52 11.10
CA GLU A 195 -5.49 -29.39 10.68
C GLU A 195 -5.90 -30.70 10.00
N ALA A 196 -6.96 -31.37 10.48
CA ALA A 196 -7.44 -32.64 9.92
C ALA A 196 -7.92 -32.54 8.46
N SER A 197 -8.73 -31.51 8.14
CA SER A 197 -9.28 -31.33 6.79
C SER A 197 -8.38 -30.52 5.85
N TYR A 198 -7.25 -29.96 6.35
CA TYR A 198 -6.32 -29.16 5.55
C TYR A 198 -5.65 -29.97 4.44
N GLN A 199 -5.89 -29.55 3.20
CA GLN A 199 -5.32 -30.11 1.97
C GLN A 199 -4.49 -28.99 1.33
N PRO A 200 -3.16 -28.98 1.54
CA PRO A 200 -2.32 -27.92 0.93
C PRO A 200 -2.44 -27.89 -0.59
N LEU A 201 -2.05 -26.76 -1.23
CA LEU A 201 -2.09 -26.68 -2.70
C LEU A 201 -1.08 -27.68 -3.25
N ASP A 202 -1.47 -28.41 -4.29
CA ASP A 202 -0.59 -29.40 -4.91
C ASP A 202 -0.38 -29.04 -6.39
N PRO A 203 0.53 -28.10 -6.72
CA PRO A 203 0.71 -27.77 -8.15
C PRO A 203 1.30 -28.89 -9.01
N ASP A 204 1.83 -29.94 -8.36
CA ASP A 204 2.43 -31.10 -9.02
C ASP A 204 1.37 -31.96 -9.70
N LYS A 205 0.29 -32.32 -8.98
CA LYS A 205 -0.74 -33.16 -9.54
C LYS A 205 -2.13 -32.50 -9.56
N CYS A 206 -2.77 -32.33 -8.39
CA CYS A 206 -4.14 -31.83 -8.26
C CYS A 206 -4.38 -30.37 -8.70
N ASP A 207 -3.54 -29.44 -8.26
CA ASP A 207 -3.70 -28.02 -8.57
C ASP A 207 -2.79 -27.54 -9.70
N ARG A 208 -2.40 -28.46 -10.61
CA ARG A 208 -1.51 -28.21 -11.75
C ARG A 208 -1.96 -27.08 -12.68
N ASP A 209 -3.27 -26.95 -12.89
CA ASP A 209 -3.82 -25.92 -13.78
C ASP A 209 -4.17 -24.61 -13.05
N LEU A 210 -3.98 -24.55 -11.72
CA LEU A 210 -4.26 -23.33 -10.96
C LEU A 210 -3.09 -22.36 -10.98
N SER A 211 -3.39 -21.05 -10.99
CA SER A 211 -2.41 -19.97 -10.92
C SER A 211 -2.20 -19.73 -9.44
N LEU A 212 -0.98 -19.99 -8.98
CA LEU A 212 -0.72 -19.90 -7.55
C LEU A 212 0.71 -19.56 -7.18
N ILE A 213 0.86 -19.08 -5.94
CA ILE A 213 2.12 -18.85 -5.26
C ILE A 213 2.01 -19.50 -3.88
N LYS A 214 2.99 -20.33 -3.54
CA LYS A 214 3.13 -20.96 -2.23
C LYS A 214 4.28 -20.22 -1.57
N VAL A 215 4.00 -19.50 -0.48
CA VAL A 215 4.96 -18.78 0.34
C VAL A 215 5.29 -19.80 1.44
N ILE A 216 6.52 -20.34 1.41
CA ILE A 216 6.96 -21.37 2.34
C ILE A 216 7.95 -20.78 3.35
N ASP A 217 7.75 -21.10 4.64
CA ASP A 217 8.60 -20.72 5.79
C ASP A 217 8.92 -19.23 5.85
N VAL A 218 7.85 -18.41 5.85
CA VAL A 218 7.87 -16.95 5.91
C VAL A 218 8.80 -16.35 4.81
N GLY A 219 8.57 -16.79 3.58
CA GLY A 219 9.27 -16.28 2.39
C GLY A 219 10.68 -16.76 2.15
N ARG A 220 11.06 -17.90 2.73
CA ARG A 220 12.37 -18.51 2.54
C ARG A 220 12.39 -19.21 1.17
N ARG A 221 11.23 -19.68 0.73
CA ARG A 221 11.07 -20.45 -0.49
C ARG A 221 9.70 -20.16 -1.11
N PHE A 222 9.59 -20.27 -2.44
CA PHE A 222 8.36 -20.00 -3.17
C PHE A 222 8.14 -21.01 -4.26
N LEU A 223 6.90 -21.45 -4.41
CA LEU A 223 6.49 -22.32 -5.48
C LEU A 223 5.50 -21.47 -6.30
N VAL A 224 5.86 -21.19 -7.55
CA VAL A 224 5.06 -20.36 -8.44
C VAL A 224 4.54 -21.21 -9.59
N ASN A 225 3.22 -21.23 -9.76
CA ASN A 225 2.62 -22.03 -10.82
C ASN A 225 1.68 -21.22 -11.70
N ARG A 226 1.88 -21.34 -13.03
CA ARG A 226 1.06 -20.74 -14.08
C ARG A 226 0.70 -19.27 -13.89
N VAL A 227 1.70 -18.37 -13.87
CA VAL A 227 1.45 -16.92 -13.77
C VAL A 227 0.88 -16.49 -15.14
N GLN A 228 -0.40 -16.15 -15.14
CA GLN A 228 -1.15 -15.79 -16.36
C GLN A 228 -0.90 -14.38 -16.87
N ASP A 229 -0.82 -13.39 -15.97
CA ASP A 229 -0.75 -12.01 -16.40
C ASP A 229 0.24 -11.11 -15.64
N HIS A 230 0.19 -9.81 -15.96
CA HIS A 230 1.02 -8.75 -15.42
C HIS A 230 0.84 -8.55 -13.93
N ILE A 231 -0.41 -8.50 -13.46
CA ILE A 231 -0.69 -8.25 -12.05
C ILE A 231 -0.19 -9.40 -11.14
N GLN A 232 -0.32 -10.67 -11.58
CA GLN A 232 0.15 -11.85 -10.87
C GLN A 232 1.68 -11.86 -10.80
N SER A 233 2.34 -11.48 -11.91
CA SER A 233 3.80 -11.36 -12.02
C SER A 233 4.32 -10.29 -11.04
N ARG A 234 3.60 -9.14 -10.96
CA ARG A 234 3.90 -8.03 -10.07
C ARG A 234 3.77 -8.42 -8.59
N ILE A 235 2.71 -9.20 -8.23
CA ILE A 235 2.42 -9.70 -6.88
C ILE A 235 3.59 -10.60 -6.45
N VAL A 236 3.99 -11.51 -7.34
CA VAL A 236 5.10 -12.44 -7.09
C VAL A 236 6.42 -11.67 -6.82
N TYR A 237 6.72 -10.65 -7.64
CA TYR A 237 7.87 -9.77 -7.48
C TYR A 237 7.79 -8.99 -6.14
N TYR A 238 6.61 -8.48 -5.79
CA TYR A 238 6.36 -7.77 -4.53
C TYR A 238 6.64 -8.66 -3.32
N LEU A 239 6.06 -9.90 -3.30
CA LEU A 239 6.23 -10.90 -2.23
C LEU A 239 7.69 -11.31 -2.05
N MET A 240 8.44 -11.30 -3.12
CA MET A 240 9.87 -11.58 -3.08
C MET A 240 10.74 -10.40 -2.66
N ASN A 241 10.17 -9.19 -2.58
CA ASN A 241 10.90 -7.98 -2.17
C ASN A 241 10.60 -7.55 -0.75
N ILE A 242 9.39 -7.83 -0.26
CA ILE A 242 9.00 -7.52 1.12
C ILE A 242 9.69 -8.48 2.06
N HIS A 243 9.75 -8.14 3.36
CA HIS A 243 10.35 -8.98 4.40
C HIS A 243 9.69 -8.60 5.72
N VAL A 244 9.88 -9.44 6.75
CA VAL A 244 9.30 -9.22 8.08
C VAL A 244 10.40 -8.93 9.13
N GLN A 245 11.60 -8.53 8.66
CA GLN A 245 12.72 -8.16 9.52
C GLN A 245 12.44 -6.81 10.18
N PRO A 246 12.83 -6.61 11.47
CA PRO A 246 12.56 -5.30 12.09
C PRO A 246 13.45 -4.21 11.51
N ARG A 247 12.89 -3.00 11.32
CA ARG A 247 13.61 -1.85 10.74
C ARG A 247 12.84 -0.53 10.90
N THR A 248 13.47 0.58 10.52
CA THR A 248 12.84 1.90 10.63
C THR A 248 13.01 2.67 9.33
N ILE A 249 11.93 3.35 8.91
CA ILE A 249 11.95 4.21 7.74
C ILE A 249 11.79 5.65 8.22
N TYR A 250 12.78 6.49 7.95
CA TYR A 250 12.73 7.90 8.28
C TYR A 250 12.52 8.67 7.00
N LEU A 251 11.50 9.53 6.96
CA LEU A 251 11.18 10.32 5.79
C LEU A 251 11.21 11.77 6.20
N CYS A 252 11.83 12.61 5.38
CA CYS A 252 11.86 14.06 5.60
C CYS A 252 12.10 14.78 4.29
N ARG A 253 11.86 16.08 4.28
CA ARG A 253 12.10 16.95 3.16
C ARG A 253 13.51 17.50 3.35
N HIS A 254 14.06 18.07 2.30
CA HIS A 254 15.33 18.78 2.33
C HIS A 254 15.12 19.95 3.36
N GLY A 255 16.21 20.51 3.89
CA GLY A 255 16.09 21.68 4.75
C GLY A 255 15.57 22.83 3.91
N GLU A 256 14.91 23.82 4.53
CA GLU A 256 14.35 24.99 3.82
C GLU A 256 15.30 25.54 2.73
N ASN A 257 14.78 25.80 1.53
CA ASN A 257 15.60 26.33 0.45
C ASN A 257 15.28 27.80 0.10
N GLU A 258 16.04 28.41 -0.81
CA GLU A 258 15.83 29.81 -1.20
C GLU A 258 14.46 30.05 -1.87
N HIS A 259 13.97 29.08 -2.67
CA HIS A 259 12.66 29.15 -3.32
C HIS A 259 11.54 29.09 -2.30
N ASN A 260 11.74 28.32 -1.20
CA ASN A 260 10.75 28.23 -0.12
C ASN A 260 10.57 29.62 0.48
N LEU A 261 11.68 30.38 0.69
CA LEU A 261 11.64 31.73 1.25
C LEU A 261 10.90 32.72 0.35
N GLN A 262 11.01 32.55 -0.97
CA GLN A 262 10.35 33.40 -1.96
C GLN A 262 8.93 32.93 -2.32
N GLY A 263 8.52 31.78 -1.78
CA GLY A 263 7.23 31.17 -2.07
C GLY A 263 7.15 30.64 -3.49
N ARG A 264 8.30 30.26 -4.09
CA ARG A 264 8.42 29.74 -5.45
C ARG A 264 8.39 28.21 -5.50
N ILE A 265 7.70 27.65 -6.50
CA ILE A 265 7.59 26.21 -6.67
C ILE A 265 8.66 25.68 -7.62
N GLY A 266 9.00 24.39 -7.47
CA GLY A 266 10.02 23.72 -8.27
C GLY A 266 11.39 24.34 -8.13
N GLY A 267 12.13 24.36 -9.25
CA GLY A 267 13.47 24.88 -9.31
C GLY A 267 14.49 23.96 -8.68
N ASP A 268 15.74 24.42 -8.59
CA ASP A 268 16.84 23.64 -8.02
C ASP A 268 17.69 24.55 -7.13
N SER A 269 17.02 25.31 -6.27
CA SER A 269 17.67 26.23 -5.34
C SER A 269 18.37 25.49 -4.20
N GLY A 270 19.33 26.18 -3.58
CA GLY A 270 20.09 25.66 -2.44
C GLY A 270 19.46 25.98 -1.11
N LEU A 271 19.99 25.36 -0.03
CA LEU A 271 19.52 25.55 1.34
C LEU A 271 19.68 26.99 1.79
N SER A 272 18.68 27.48 2.52
CA SER A 272 18.71 28.79 3.17
C SER A 272 19.54 28.61 4.45
N SER A 273 19.77 29.68 5.22
CA SER A 273 20.52 29.57 6.48
C SER A 273 19.81 28.64 7.47
N ARG A 274 18.46 28.70 7.53
CA ARG A 274 17.65 27.82 8.37
C ARG A 274 17.72 26.35 7.89
N GLY A 275 17.69 26.15 6.57
CA GLY A 275 17.81 24.83 5.94
C GLY A 275 19.10 24.13 6.32
N LYS A 276 20.21 24.92 6.37
CA LYS A 276 21.54 24.44 6.80
C LYS A 276 21.53 24.07 8.28
N LYS A 277 20.76 24.84 9.10
CA LYS A 277 20.60 24.58 10.53
C LYS A 277 19.84 23.26 10.73
N PHE A 278 18.78 23.01 9.92
CA PHE A 278 18.03 21.75 9.96
C PHE A 278 18.94 20.58 9.63
N ALA A 279 19.77 20.72 8.56
CA ALA A 279 20.69 19.70 8.10
C ALA A 279 21.61 19.24 9.25
N SER A 280 22.17 20.21 10.05
CA SER A 280 22.97 19.96 11.26
C SER A 280 22.11 19.27 12.32
N ALA A 281 20.88 19.77 12.53
CA ALA A 281 19.95 19.19 13.50
C ALA A 281 19.62 17.73 13.14
N LEU A 282 19.44 17.44 11.84
CA LEU A 282 19.18 16.12 11.29
C LEU A 282 20.33 15.15 11.55
N SER A 283 21.58 15.62 11.42
CA SER A 283 22.77 14.83 11.70
C SER A 283 22.79 14.38 13.17
N LYS A 284 22.51 15.33 14.10
CA LYS A 284 22.46 15.06 15.53
C LYS A 284 21.35 14.05 15.82
N PHE A 285 20.14 14.26 15.22
CA PHE A 285 19.00 13.36 15.36
C PHE A 285 19.38 11.95 14.92
N VAL A 286 19.95 11.80 13.69
CA VAL A 286 20.37 10.51 13.09
C VAL A 286 21.36 9.79 14.03
N GLU A 287 22.37 10.51 14.52
CA GLU A 287 23.40 10.02 15.45
C GLU A 287 22.74 9.46 16.73
N GLU A 288 21.78 10.21 17.30
CA GLU A 288 21.04 9.84 18.52
C GLU A 288 20.15 8.60 18.34
N GLN A 289 19.83 8.22 17.09
CA GLN A 289 19.01 7.05 16.80
C GLN A 289 19.80 5.74 16.96
N ASN A 290 21.16 5.85 16.96
CA ASN A 290 22.11 4.74 17.15
C ASN A 290 21.78 3.51 16.28
N LEU A 291 21.66 3.72 14.96
CA LEU A 291 21.32 2.66 14.01
C LEU A 291 22.61 2.04 13.47
N LYS A 292 22.74 0.69 13.62
CA LYS A 292 23.90 -0.11 13.19
C LYS A 292 24.28 0.19 11.74
N ASP A 293 23.28 0.17 10.85
CA ASP A 293 23.43 0.49 9.43
C ASP A 293 22.26 1.39 9.07
N LEU A 294 22.49 2.34 8.15
CA LEU A 294 21.46 3.25 7.68
C LEU A 294 21.76 3.61 6.23
N ARG A 295 20.77 3.41 5.33
CA ARG A 295 20.89 3.80 3.94
C ARG A 295 20.28 5.18 3.84
N VAL A 296 20.94 6.08 3.11
CA VAL A 296 20.46 7.46 2.95
C VAL A 296 20.17 7.68 1.48
N TRP A 297 18.93 8.09 1.17
CA TRP A 297 18.50 8.36 -0.19
C TRP A 297 18.08 9.80 -0.34
N THR A 298 18.48 10.41 -1.45
CA THR A 298 18.16 11.79 -1.79
C THR A 298 17.62 11.82 -3.22
N SER A 299 17.15 12.99 -3.65
CA SER A 299 16.74 13.24 -5.02
C SER A 299 18.02 13.72 -5.74
N GLN A 300 17.93 14.13 -6.99
CA GLN A 300 19.08 14.70 -7.68
C GLN A 300 19.09 16.22 -7.59
N LEU A 301 18.14 16.79 -6.81
CA LEU A 301 18.05 18.23 -6.60
C LEU A 301 18.92 18.65 -5.44
N LYS A 302 19.66 19.76 -5.63
CA LYS A 302 20.65 20.33 -4.72
C LYS A 302 20.28 20.35 -3.24
N SER A 303 19.06 20.84 -2.90
CA SER A 303 18.61 21.00 -1.52
C SER A 303 18.61 19.71 -0.70
N THR A 304 18.25 18.56 -1.33
CA THR A 304 18.26 17.27 -0.63
C THR A 304 19.68 16.75 -0.45
N ILE A 305 20.56 17.00 -1.44
CA ILE A 305 21.96 16.57 -1.44
C ILE A 305 22.75 17.33 -0.39
N GLN A 306 22.51 18.66 -0.28
CA GLN A 306 23.14 19.50 0.73
C GLN A 306 22.76 19.06 2.14
N THR A 307 21.48 18.65 2.34
CA THR A 307 20.94 18.13 3.61
C THR A 307 21.67 16.83 3.98
N ALA A 308 21.83 15.89 3.00
CA ALA A 308 22.54 14.62 3.19
C ALA A 308 24.02 14.82 3.46
N GLU A 309 24.63 15.84 2.83
CA GLU A 309 26.03 16.19 3.00
C GLU A 309 26.38 16.46 4.48
N ALA A 310 25.43 17.07 5.24
CA ALA A 310 25.58 17.37 6.66
C ALA A 310 25.64 16.13 7.54
N LEU A 311 25.14 14.98 7.05
CA LEU A 311 25.10 13.73 7.81
C LEU A 311 26.44 13.03 7.93
N ARG A 312 27.33 13.25 6.95
CA ARG A 312 28.65 12.60 6.82
C ARG A 312 28.48 11.09 6.73
N LEU A 313 27.46 10.68 5.97
CA LEU A 313 27.13 9.29 5.73
C LEU A 313 27.07 9.07 4.24
N PRO A 314 27.40 7.87 3.72
CA PRO A 314 27.21 7.64 2.27
C PRO A 314 25.71 7.77 1.92
N TYR A 315 25.42 8.33 0.74
CA TYR A 315 24.07 8.49 0.26
C TYR A 315 23.96 8.20 -1.23
N GLU A 316 22.75 7.87 -1.67
CA GLU A 316 22.44 7.56 -3.05
C GLU A 316 21.41 8.54 -3.56
N GLN A 317 21.67 9.14 -4.74
CA GLN A 317 20.77 10.09 -5.40
C GLN A 317 19.85 9.35 -6.36
N TRP A 318 18.54 9.55 -6.25
CA TRP A 318 17.55 8.95 -7.13
C TRP A 318 16.85 10.05 -7.89
N LYS A 319 16.86 9.99 -9.23
CA LYS A 319 16.12 10.93 -10.06
C LYS A 319 14.62 10.75 -9.80
N ALA A 320 14.17 9.52 -9.46
CA ALA A 320 12.77 9.23 -9.13
C ALA A 320 12.26 9.99 -7.89
N LEU A 321 13.18 10.48 -7.03
CA LEU A 321 12.82 11.25 -5.82
C LEU A 321 12.72 12.75 -6.05
N ASN A 322 13.04 13.22 -7.27
CA ASN A 322 12.97 14.64 -7.66
C ASN A 322 11.56 15.16 -7.46
N GLU A 323 11.38 16.40 -7.04
CA GLU A 323 10.03 16.94 -6.84
C GLU A 323 9.18 16.89 -8.11
N ILE A 324 7.85 16.84 -7.95
CA ILE A 324 6.87 16.91 -9.03
C ILE A 324 7.27 18.03 -10.03
N ASP A 325 7.18 17.76 -11.32
CA ASP A 325 7.54 18.75 -12.34
C ASP A 325 6.34 19.67 -12.58
N ALA A 326 6.52 20.97 -12.35
CA ALA A 326 5.44 21.94 -12.54
C ALA A 326 5.30 22.49 -13.96
N GLY A 327 6.09 21.95 -14.90
CA GLY A 327 6.08 22.35 -16.30
C GLY A 327 6.34 23.83 -16.51
N VAL A 328 5.37 24.54 -17.12
CA VAL A 328 5.43 25.99 -17.39
C VAL A 328 5.36 26.85 -16.11
N CYS A 329 4.84 26.27 -15.01
CA CYS A 329 4.69 26.93 -13.72
C CYS A 329 5.93 26.82 -12.83
N GLU A 330 6.99 26.16 -13.30
CA GLU A 330 8.24 26.01 -12.54
C GLU A 330 8.84 27.38 -12.21
N GLU A 331 9.35 27.54 -10.96
CA GLU A 331 10.03 28.73 -10.43
C GLU A 331 9.11 29.94 -10.19
N LEU A 332 7.79 29.75 -10.32
CA LEU A 332 6.75 30.78 -10.12
C LEU A 332 6.21 30.66 -8.71
N THR A 333 5.65 31.76 -8.19
CA THR A 333 4.97 31.75 -6.89
C THR A 333 3.53 31.35 -7.18
N TYR A 334 2.75 30.93 -6.15
CA TYR A 334 1.35 30.56 -6.35
C TYR A 334 0.50 31.75 -6.79
N GLU A 335 0.88 32.98 -6.35
CA GLU A 335 0.22 34.23 -6.73
C GLU A 335 0.41 34.48 -8.22
N GLU A 336 1.67 34.31 -8.72
CA GLU A 336 2.01 34.45 -10.13
C GLU A 336 1.31 33.39 -10.99
N ILE A 337 1.04 32.18 -10.42
CA ILE A 337 0.33 31.10 -11.13
C ILE A 337 -1.12 31.52 -11.29
N ARG A 338 -1.77 31.98 -10.20
CA ARG A 338 -3.15 32.43 -10.21
C ARG A 338 -3.39 33.61 -11.16
N ASP A 339 -2.40 34.51 -11.30
CA ASP A 339 -2.55 35.70 -12.14
C ASP A 339 -2.23 35.44 -13.61
N THR A 340 -1.23 34.60 -13.92
CA THR A 340 -0.83 34.27 -15.31
C THR A 340 -1.66 33.11 -15.88
N TYR A 341 -1.94 32.09 -15.05
CA TYR A 341 -2.70 30.89 -15.43
C TYR A 341 -3.90 30.69 -14.47
N PRO A 342 -4.96 31.55 -14.49
CA PRO A 342 -6.08 31.37 -13.55
C PRO A 342 -6.91 30.09 -13.76
N GLU A 343 -7.07 29.67 -15.03
CA GLU A 343 -7.80 28.46 -15.40
C GLU A 343 -7.07 27.24 -14.83
N GLU A 344 -5.74 27.19 -15.03
CA GLU A 344 -4.86 26.13 -14.54
C GLU A 344 -4.90 26.02 -13.02
N TYR A 345 -4.83 27.17 -12.32
CA TYR A 345 -4.86 27.29 -10.86
C TYR A 345 -6.16 26.66 -10.29
N ALA A 346 -7.33 27.07 -10.83
CA ALA A 346 -8.64 26.57 -10.42
C ALA A 346 -8.81 25.06 -10.72
N LEU A 347 -8.34 24.58 -11.90
CA LEU A 347 -8.41 23.17 -12.30
C LEU A 347 -7.66 22.26 -11.30
N ARG A 348 -6.46 22.69 -10.85
CA ARG A 348 -5.63 21.99 -9.88
C ARG A 348 -6.32 21.91 -8.52
N GLU A 349 -6.88 23.05 -8.05
CA GLU A 349 -7.60 23.16 -6.77
C GLU A 349 -8.79 22.21 -6.74
N GLN A 350 -9.43 21.99 -7.89
CA GLN A 350 -10.59 21.11 -8.01
C GLN A 350 -10.23 19.64 -8.11
N ASP A 351 -9.09 19.31 -8.75
CA ASP A 351 -8.67 17.92 -8.95
C ASP A 351 -7.15 17.76 -8.77
N LYS A 352 -6.66 18.00 -7.54
CA LYS A 352 -5.23 18.01 -7.22
C LYS A 352 -4.47 16.71 -7.52
N TYR A 353 -5.09 15.52 -7.42
CA TYR A 353 -4.39 14.26 -7.70
C TYR A 353 -4.14 14.01 -9.19
N TYR A 354 -5.17 14.20 -10.02
CA TYR A 354 -5.15 13.92 -11.46
C TYR A 354 -4.66 15.07 -12.31
N TYR A 355 -4.74 16.30 -11.77
CA TYR A 355 -4.28 17.48 -12.47
C TYR A 355 -2.83 17.38 -12.91
N ARG A 356 -2.58 17.63 -14.20
CA ARG A 356 -1.22 17.62 -14.72
C ARG A 356 -0.87 19.05 -15.09
N TYR A 357 0.29 19.54 -14.64
CA TYR A 357 0.78 20.87 -14.98
C TYR A 357 1.13 20.88 -16.49
N PRO A 358 0.93 22.00 -17.25
CA PRO A 358 1.29 21.98 -18.68
C PRO A 358 2.78 21.73 -18.91
N THR A 359 3.10 20.65 -19.65
CA THR A 359 4.45 20.13 -19.94
C THR A 359 5.08 19.56 -18.64
N GLY A 360 4.24 19.34 -17.63
CA GLY A 360 4.61 18.86 -16.31
C GLY A 360 3.91 17.59 -15.86
N GLU A 361 3.85 17.40 -14.55
CA GLU A 361 3.32 16.18 -13.95
C GLU A 361 2.14 16.36 -13.05
N SER A 362 1.52 15.20 -12.70
CA SER A 362 0.44 15.05 -11.74
C SER A 362 0.97 14.17 -10.58
N TYR A 363 0.22 14.09 -9.46
CA TYR A 363 0.50 13.19 -8.34
C TYR A 363 0.42 11.75 -8.85
N GLN A 364 -0.49 11.51 -9.82
CA GLN A 364 -0.66 10.24 -10.50
C GLN A 364 0.64 9.82 -11.21
N ASP A 365 1.35 10.76 -11.88
CA ASP A 365 2.64 10.52 -12.54
C ASP A 365 3.72 10.21 -11.51
N LEU A 366 3.68 10.90 -10.36
CA LEU A 366 4.59 10.67 -9.24
C LEU A 366 4.57 9.22 -8.76
N VAL A 367 3.37 8.65 -8.55
CA VAL A 367 3.15 7.26 -8.11
C VAL A 367 3.88 6.32 -9.08
N GLN A 368 3.70 6.52 -10.39
CA GLN A 368 4.36 5.67 -11.40
C GLN A 368 5.88 5.71 -11.31
N ARG A 369 6.44 6.90 -11.08
CA ARG A 369 7.87 7.16 -10.92
C ARG A 369 8.40 6.58 -9.60
N LEU A 370 7.60 6.68 -8.54
CA LEU A 370 8.01 6.25 -7.21
C LEU A 370 7.86 4.76 -6.94
N GLU A 371 7.16 4.03 -7.82
CA GLU A 371 6.97 2.59 -7.62
C GLU A 371 8.33 1.83 -7.41
N PRO A 372 9.39 2.05 -8.24
CA PRO A 372 10.69 1.40 -7.95
C PRO A 372 11.29 1.81 -6.61
N VAL A 373 10.99 3.05 -6.13
CA VAL A 373 11.48 3.54 -4.82
C VAL A 373 10.82 2.71 -3.71
N ILE A 374 9.50 2.50 -3.81
CA ILE A 374 8.71 1.71 -2.88
C ILE A 374 9.20 0.25 -2.81
N MET A 375 9.45 -0.33 -3.98
CA MET A 375 9.94 -1.69 -4.12
C MET A 375 11.31 -1.84 -3.45
N GLU A 376 12.19 -0.84 -3.60
CA GLU A 376 13.49 -0.85 -2.96
C GLU A 376 13.38 -0.56 -1.44
N LEU A 377 12.44 0.31 -1.02
CA LEU A 377 12.21 0.60 0.40
C LEU A 377 11.78 -0.65 1.13
N GLU A 378 10.97 -1.49 0.45
CA GLU A 378 10.50 -2.77 0.97
C GLU A 378 11.65 -3.73 1.22
N ARG A 379 12.59 -3.84 0.27
N ARG A 379 12.60 -3.81 0.25
CA ARG A 379 13.73 -4.75 0.32
CA ARG A 379 13.79 -4.71 0.29
C ARG A 379 14.79 -4.34 1.38
C ARG A 379 14.73 -4.36 1.44
N GLN A 380 14.90 -3.04 1.66
CA GLN A 380 15.84 -2.48 2.63
C GLN A 380 15.43 -2.60 4.08
N GLU A 381 16.33 -2.18 4.99
CA GLU A 381 16.06 -2.18 6.42
C GLU A 381 15.93 -0.73 6.91
N ASN A 382 16.97 -0.17 7.55
CA ASN A 382 16.93 1.20 8.02
C ASN A 382 17.24 2.14 6.87
N VAL A 383 16.29 3.02 6.53
CA VAL A 383 16.45 3.95 5.41
C VAL A 383 16.00 5.35 5.82
N LEU A 384 16.78 6.35 5.40
CA LEU A 384 16.43 7.76 5.56
C LEU A 384 16.26 8.31 4.14
N VAL A 385 15.06 8.83 3.84
CA VAL A 385 14.73 9.39 2.53
C VAL A 385 14.58 10.89 2.74
N ILE A 386 15.47 11.67 2.10
CA ILE A 386 15.46 13.13 2.13
C ILE A 386 14.86 13.54 0.77
N CYS A 387 13.62 14.03 0.77
CA CYS A 387 12.99 14.34 -0.51
C CYS A 387 12.25 15.69 -0.50
N HIS A 388 11.08 15.75 -1.16
CA HIS A 388 10.30 16.95 -1.42
C HIS A 388 8.85 16.75 -1.05
N GLN A 389 8.11 17.83 -0.81
CA GLN A 389 6.72 17.85 -0.33
C GLN A 389 5.79 16.87 -1.07
N ALA A 390 5.65 16.97 -2.41
CA ALA A 390 4.76 16.09 -3.17
C ALA A 390 5.20 14.63 -3.19
N VAL A 391 6.53 14.40 -3.30
CA VAL A 391 7.14 13.06 -3.28
C VAL A 391 6.85 12.39 -1.93
N LEU A 392 7.08 13.14 -0.83
CA LEU A 392 6.85 12.71 0.55
C LEU A 392 5.38 12.34 0.79
N ARG A 393 4.43 13.18 0.33
CA ARG A 393 3.00 12.88 0.43
C ARG A 393 2.68 11.55 -0.25
N CYS A 394 3.23 11.30 -1.46
N CYS A 394 3.23 11.33 -1.45
CA CYS A 394 3.04 10.06 -2.21
CA CYS A 394 3.05 10.14 -2.27
C CYS A 394 3.55 8.84 -1.50
C CYS A 394 3.59 8.86 -1.59
N LEU A 395 4.78 8.92 -0.96
CA LEU A 395 5.40 7.79 -0.22
C LEU A 395 4.61 7.51 1.05
N LEU A 396 4.24 8.59 1.77
CA LEU A 396 3.48 8.51 3.02
C LEU A 396 2.10 7.90 2.78
N ALA A 397 1.44 8.23 1.65
CA ALA A 397 0.15 7.63 1.29
C ALA A 397 0.29 6.12 1.12
N TYR A 398 1.44 5.65 0.63
CA TYR A 398 1.68 4.23 0.49
C TYR A 398 1.80 3.56 1.88
N PHE A 399 2.66 4.10 2.75
CA PHE A 399 2.88 3.55 4.08
C PHE A 399 1.68 3.65 5.03
N LEU A 400 0.92 4.76 4.93
CA LEU A 400 -0.24 5.06 5.76
C LEU A 400 -1.58 4.69 5.14
N ASP A 401 -1.56 3.99 3.98
CA ASP A 401 -2.77 3.55 3.27
C ASP A 401 -3.77 4.71 3.01
N LYS A 402 -3.27 5.84 2.49
CA LYS A 402 -4.11 7.00 2.18
C LYS A 402 -4.54 6.93 0.73
N SER A 403 -5.77 7.34 0.44
CA SER A 403 -6.34 7.34 -0.90
C SER A 403 -5.71 8.41 -1.80
N ALA A 404 -5.94 8.30 -3.13
CA ALA A 404 -5.49 9.24 -4.15
C ALA A 404 -6.03 10.64 -3.83
N GLU A 405 -7.29 10.73 -3.37
CA GLU A 405 -7.97 11.98 -2.99
C GLU A 405 -7.32 12.65 -1.79
N GLU A 406 -6.91 11.86 -0.77
CA GLU A 406 -6.26 12.41 0.43
C GLU A 406 -4.80 12.81 0.18
N MET A 407 -4.05 12.00 -0.59
CA MET A 407 -2.63 12.13 -0.90
C MET A 407 -2.12 13.59 -1.16
N PRO A 408 -2.70 14.43 -2.07
CA PRO A 408 -2.13 15.78 -2.26
C PRO A 408 -2.27 16.74 -1.08
N TYR A 409 -2.98 16.34 -0.01
CA TYR A 409 -3.25 17.19 1.15
C TYR A 409 -2.60 16.71 2.45
N LEU A 410 -1.82 15.63 2.42
CA LEU A 410 -1.14 15.12 3.61
C LEU A 410 -0.15 16.17 4.10
N LYS A 411 -0.11 16.39 5.43
CA LYS A 411 0.77 17.36 6.08
C LYS A 411 2.18 16.78 6.19
N CYS A 412 3.13 17.42 5.50
CA CYS A 412 4.55 17.05 5.46
C CYS A 412 5.35 18.34 5.71
N PRO A 413 5.34 18.89 6.96
CA PRO A 413 6.06 20.15 7.18
C PRO A 413 7.57 20.05 7.04
N LEU A 414 8.22 21.21 6.78
CA LEU A 414 9.67 21.31 6.68
C LEU A 414 10.26 21.09 8.07
N HIS A 415 11.50 20.60 8.13
CA HIS A 415 12.31 20.43 9.34
C HIS A 415 11.70 19.46 10.35
N THR A 416 10.95 18.47 9.82
CA THR A 416 10.22 17.46 10.57
C THR A 416 10.47 16.07 9.97
N VAL A 417 10.92 15.13 10.80
CA VAL A 417 11.20 13.74 10.42
C VAL A 417 9.96 12.88 10.73
N LEU A 418 9.55 12.06 9.77
CA LEU A 418 8.46 11.11 9.94
C LEU A 418 9.11 9.74 10.13
N LYS A 419 9.02 9.21 11.36
CA LYS A 419 9.61 7.93 11.75
C LYS A 419 8.56 6.85 11.61
N LEU A 420 8.78 5.91 10.70
CA LEU A 420 7.84 4.82 10.40
C LEU A 420 8.35 3.51 10.93
N THR A 421 7.56 2.88 11.78
CA THR A 421 7.90 1.60 12.42
C THR A 421 6.86 0.54 12.03
N PRO A 422 7.26 -0.46 11.22
CA PRO A 422 6.31 -1.49 10.81
C PRO A 422 5.92 -2.35 11.99
N VAL A 423 4.62 -2.32 12.30
CA VAL A 423 3.89 -3.09 13.31
C VAL A 423 3.17 -4.19 12.50
N ALA A 424 2.53 -5.15 13.20
CA ALA A 424 1.78 -6.24 12.56
C ALA A 424 0.58 -5.77 11.70
N TYR A 425 -0.03 -4.61 12.00
CA TYR A 425 -1.20 -4.09 11.26
C TYR A 425 -0.88 -3.16 10.04
N GLY A 426 0.26 -2.48 10.09
CA GLY A 426 0.76 -1.54 9.06
C GLY A 426 1.98 -0.79 9.57
N CYS A 427 1.92 0.57 9.62
CA CYS A 427 3.01 1.41 10.14
C CYS A 427 2.57 2.27 11.31
N ARG A 428 3.41 2.32 12.34
CA ARG A 428 3.26 3.24 13.46
C ARG A 428 4.04 4.47 12.98
N VAL A 429 3.44 5.65 13.07
CA VAL A 429 4.07 6.89 12.63
C VAL A 429 4.32 7.83 13.82
N GLU A 430 5.58 8.25 13.99
CA GLU A 430 6.02 9.22 14.98
C GLU A 430 6.54 10.41 14.19
N SER A 431 6.18 11.61 14.62
CA SER A 431 6.65 12.84 13.99
C SER A 431 7.71 13.46 14.92
N ILE A 432 8.86 13.91 14.37
CA ILE A 432 9.93 14.53 15.16
C ILE A 432 10.34 15.86 14.53
N TYR A 433 9.87 16.98 15.13
CA TYR A 433 10.22 18.32 14.69
C TYR A 433 11.60 18.65 15.25
N LEU A 434 12.55 19.08 14.39
CA LEU A 434 13.93 19.27 14.82
C LEU A 434 14.27 20.69 15.29
N ASN A 435 13.24 21.42 15.74
CA ASN A 435 13.32 22.73 16.39
C ASN A 435 14.12 23.80 15.60
N VAL A 436 13.88 23.86 14.29
CA VAL A 436 14.47 24.86 13.39
C VAL A 436 13.31 25.45 12.63
N GLU A 437 13.18 26.80 12.69
CA GLU A 437 12.13 27.56 12.01
C GLU A 437 12.26 27.46 10.51
N SER A 438 11.13 27.58 9.82
CA SER A 438 11.03 27.55 8.37
C SER A 438 9.71 28.22 7.99
N VAL A 439 9.52 28.43 6.69
CA VAL A 439 8.25 28.92 6.14
C VAL A 439 7.28 27.70 6.14
N CYS A 440 5.99 27.95 5.91
CA CYS A 440 5.00 26.88 5.79
C CYS A 440 4.65 26.74 4.32
N THR A 441 4.74 25.52 3.78
CA THR A 441 4.44 25.30 2.35
C THR A 441 3.13 24.51 2.16
N HIS A 442 2.44 24.17 3.28
CA HIS A 442 1.18 23.45 3.24
C HIS A 442 0.03 24.36 2.84
N ARG A 443 -0.81 23.88 1.89
CA ARG A 443 -1.99 24.60 1.40
C ARG A 443 -3.17 23.62 1.41
N GLU A 444 -4.18 23.91 2.25
CA GLU A 444 -5.39 23.10 2.41
C GLU A 444 -6.32 23.27 1.20
N ARG A 445 -7.29 22.34 1.02
CA ARG A 445 -8.27 22.40 -0.06
C ARG A 445 -9.29 23.53 0.12
#